data_2HQ9
#
_entry.id   2HQ9
#
_cell.length_a   47.852
_cell.length_b   74.895
_cell.length_c   84.626
_cell.angle_alpha   90.00
_cell.angle_beta   90.00
_cell.angle_gamma   90.00
#
_symmetry.space_group_name_H-M   'P 21 21 21'
#
loop_
_entity.id
_entity.type
_entity.pdbx_description
1 polymer 'Mll6688 protein'
2 non-polymer 'CHLORIDE ION'
3 non-polymer 'FLAVIN-ADENINE DINUCLEOTIDE'
4 non-polymer 1,2-ETHANEDIOL
5 water water
#
_entity_poly.entity_id   1
_entity_poly.type   'polypeptide(L)'
_entity_poly.pdbx_seq_one_letter_code
;G(MSE)LVRTLSALECTKVLTANRVGRLACAKDGQPYVVPLYYAYSDAHLYAFS(MSE)PGKKIEW(MSE)RANPRVSVQ
VDEHGQGRGWKSVVVDGRYEELPDLIGHKLQRDHAWSVLSKHTDWWEPGALKPVTPPTADSAPHVFFRILIEQVSGREAS
E
;
_entity_poly.pdbx_strand_id   A,B
#
loop_
_chem_comp.id
_chem_comp.type
_chem_comp.name
_chem_comp.formula
CL non-polymer 'CHLORIDE ION' 'Cl -1'
EDO non-polymer 1,2-ETHANEDIOL 'C2 H6 O2'
FAD non-polymer 'FLAVIN-ADENINE DINUCLEOTIDE' 'C27 H33 N9 O15 P2'
#
# COMPACT_ATOMS: atom_id res chain seq x y z
N GLY A 1 -4.06 22.96 -2.41
CA GLY A 1 -4.72 22.47 -3.66
C GLY A 1 -3.67 22.03 -4.66
N MSE A 2 -3.53 20.73 -4.84
CA MSE A 2 -2.57 20.21 -5.82
C MSE A 2 -3.18 20.22 -7.21
O MSE A 2 -4.41 20.13 -7.37
CB MSE A 2 -2.14 18.79 -5.47
CG MSE A 2 -1.42 18.70 -4.14
SE MSE A 2 0.33 19.54 -4.36
CE MSE A 2 0.90 20.16 -2.70
N LEU A 3 -2.32 20.32 -8.20
CA LEU A 3 -2.64 20.04 -9.58
C LEU A 3 -2.40 18.53 -9.79
N VAL A 4 -3.48 17.80 -10.06
CA VAL A 4 -3.45 16.37 -10.12
C VAL A 4 -3.97 15.91 -11.45
N ARG A 5 -3.28 14.98 -12.10
CA ARG A 5 -3.81 14.41 -13.31
C ARG A 5 -3.57 12.94 -13.38
N THR A 6 -4.37 12.32 -14.23
CA THR A 6 -4.26 10.93 -14.52
C THR A 6 -3.09 10.74 -15.50
N LEU A 7 -2.35 9.67 -15.30
CA LEU A 7 -1.21 9.33 -16.15
C LEU A 7 -1.70 8.47 -17.29
N SER A 8 -0.97 8.46 -18.41
CA SER A 8 -1.22 7.47 -19.43
C SER A 8 -0.66 6.10 -19.00
N ALA A 9 -1.04 5.03 -19.70
CA ALA A 9 -0.46 3.72 -19.39
C ALA A 9 1.08 3.73 -19.59
N LEU A 10 1.53 4.32 -20.68
CA LEU A 10 2.96 4.47 -20.93
C LEU A 10 3.65 5.19 -19.78
N GLU A 11 3.06 6.26 -19.30
CA GLU A 11 3.65 6.97 -18.18
C GLU A 11 3.74 6.07 -16.95
N CYS A 12 2.72 5.22 -16.75
CA CYS A 12 2.76 4.22 -15.67
C CYS A 12 3.90 3.24 -15.84
N THR A 13 4.16 2.75 -17.04
CA THR A 13 5.29 1.82 -17.17
C THR A 13 6.63 2.45 -16.78
N LYS A 14 6.80 3.75 -17.05
CA LYS A 14 8.04 4.43 -16.71
C LYS A 14 8.21 4.49 -15.20
N VAL A 15 7.12 4.75 -14.47
CA VAL A 15 7.17 4.73 -12.98
C VAL A 15 7.51 3.35 -12.47
N LEU A 16 6.87 2.34 -13.04
CA LEU A 16 7.14 0.97 -12.62
C LEU A 16 8.61 0.60 -12.83
N THR A 17 9.20 0.99 -13.97
CA THR A 17 10.61 0.67 -14.22
C THR A 17 11.54 1.44 -13.30
N ALA A 18 11.19 2.66 -12.97
CA ALA A 18 12.10 3.51 -12.25
C ALA A 18 12.19 3.20 -10.75
N ASN A 19 11.31 2.31 -10.25
CA ASN A 19 11.21 2.00 -8.82
C ASN A 19 11.34 0.52 -8.59
N ARG A 20 11.72 0.13 -7.40
CA ARG A 20 11.90 -1.29 -7.10
C ARG A 20 11.07 -1.75 -5.88
N VAL A 21 10.42 -0.81 -5.17
CA VAL A 21 9.58 -1.13 -4.01
CA VAL A 21 9.58 -1.21 -4.05
C VAL A 21 8.12 -0.84 -4.32
N GLY A 22 7.26 -1.74 -3.92
CA GLY A 22 5.80 -1.56 -4.03
C GLY A 22 5.11 -2.08 -2.78
N ARG A 23 3.82 -1.83 -2.67
CA ARG A 23 3.01 -2.56 -1.70
C ARG A 23 2.06 -3.42 -2.48
N LEU A 24 2.00 -4.67 -2.04
CA LEU A 24 1.24 -5.76 -2.65
C LEU A 24 0.10 -6.03 -1.74
N ALA A 25 -1.12 -5.97 -2.26
CA ALA A 25 -2.31 -6.38 -1.50
C ALA A 25 -2.97 -7.61 -2.10
N CYS A 26 -3.28 -8.56 -1.23
CA CYS A 26 -4.02 -9.77 -1.60
C CYS A 26 -5.24 -9.78 -0.71
N ALA A 27 -6.11 -10.75 -0.90
CA ALA A 27 -7.35 -10.83 -0.13
C ALA A 27 -7.82 -12.27 0.01
N LYS A 28 -8.49 -12.53 1.12
CA LYS A 28 -9.10 -13.80 1.41
C LYS A 28 -10.44 -13.49 2.05
N ASP A 29 -11.49 -13.97 1.38
CA ASP A 29 -12.84 -13.82 1.87
C ASP A 29 -13.15 -12.37 2.21
N GLY A 30 -12.80 -11.42 1.33
CA GLY A 30 -13.09 -9.99 1.55
C GLY A 30 -12.13 -9.21 2.42
N GLN A 31 -11.22 -9.91 3.10
CA GLN A 31 -10.26 -9.27 4.02
C GLN A 31 -8.98 -9.07 3.28
N PRO A 32 -8.58 -7.78 3.05
CA PRO A 32 -7.28 -7.50 2.47
C PRO A 32 -6.09 -7.73 3.38
N TYR A 33 -4.92 -7.86 2.76
CA TYR A 33 -3.65 -7.97 3.47
C TYR A 33 -2.59 -7.29 2.63
N VAL A 34 -1.86 -6.31 3.17
CA VAL A 34 -0.92 -5.50 2.37
C VAL A 34 0.46 -5.49 3.00
N VAL A 35 1.47 -5.85 2.20
CA VAL A 35 2.85 -5.84 2.67
C VAL A 35 3.77 -5.21 1.62
N PRO A 36 4.92 -4.67 2.07
CA PRO A 36 5.95 -4.23 1.09
C PRO A 36 6.63 -5.35 0.34
N LEU A 37 7.02 -5.06 -0.89
CA LEU A 37 7.56 -6.04 -1.81
C LEU A 37 8.52 -5.38 -2.80
N TYR A 38 9.69 -5.99 -2.94
CA TYR A 38 10.60 -5.60 -4.01
C TYR A 38 10.23 -6.35 -5.29
N TYR A 39 10.14 -5.64 -6.42
CA TYR A 39 9.77 -6.25 -7.70
C TYR A 39 10.69 -5.77 -8.83
N ALA A 40 10.70 -6.51 -9.92
CA ALA A 40 11.35 -6.13 -11.17
C ALA A 40 10.30 -6.14 -12.26
N TYR A 41 10.10 -5.01 -12.94
CA TYR A 41 9.06 -4.89 -13.94
C TYR A 41 9.63 -5.35 -15.30
N SER A 42 8.85 -6.14 -16.01
CA SER A 42 9.25 -6.58 -17.34
C SER A 42 8.06 -7.01 -18.17
N ASP A 43 7.89 -6.31 -19.29
CA ASP A 43 6.82 -6.51 -20.26
C ASP A 43 5.42 -6.43 -19.64
N ALA A 44 4.65 -7.51 -19.61
CA ALA A 44 3.32 -7.36 -19.02
C ALA A 44 3.25 -7.63 -17.51
N HIS A 45 4.39 -7.72 -16.83
CA HIS A 45 4.44 -8.41 -15.52
C HIS A 45 5.36 -7.77 -14.47
N LEU A 46 4.99 -7.88 -13.20
CA LEU A 46 5.92 -7.58 -12.11
C LEU A 46 6.48 -8.89 -11.58
N TYR A 47 7.79 -8.99 -11.43
CA TYR A 47 8.42 -10.23 -10.95
C TYR A 47 8.96 -10.02 -9.56
N ALA A 48 8.82 -11.05 -8.73
CA ALA A 48 9.31 -10.97 -7.38
C ALA A 48 9.63 -12.36 -6.80
N PHE A 49 10.39 -12.33 -5.71
CA PHE A 49 10.74 -13.50 -4.96
C PHE A 49 10.17 -13.39 -3.58
N SER A 50 9.85 -14.54 -2.98
CA SER A 50 9.32 -14.55 -1.62
C SER A 50 9.69 -15.87 -0.95
N MSE A 51 9.71 -15.83 0.34
CA MSE A 51 9.67 -17.05 1.12
C MSE A 51 8.24 -17.51 1.16
O MSE A 51 7.32 -16.71 0.95
CB MSE A 51 10.05 -16.78 2.54
CG MSE A 51 11.20 -15.87 2.61
SE MSE A 51 12.70 -16.93 2.49
CE MSE A 51 13.17 -16.53 4.43
N PRO A 52 8.03 -18.79 1.47
CA PRO A 52 6.72 -19.28 1.84
C PRO A 52 6.11 -18.51 3.00
N GLY A 53 4.81 -18.32 2.96
CA GLY A 53 4.12 -17.62 4.01
C GLY A 53 2.74 -17.14 3.60
N LYS A 54 2.22 -16.22 4.40
CA LYS A 54 0.81 -15.85 4.29
C LYS A 54 0.46 -15.28 2.92
N LYS A 55 1.24 -14.32 2.43
CA LYS A 55 0.89 -13.68 1.16
C LYS A 55 0.85 -14.70 0.01
N ILE A 56 1.82 -15.60 -0.02
CA ILE A 56 1.89 -16.67 -1.02
C ILE A 56 0.71 -17.63 -0.88
N GLU A 57 0.36 -18.00 0.35
CA GLU A 57 -0.79 -18.85 0.55
C GLU A 57 -2.09 -18.21 0.11
N TRP A 58 -2.23 -16.91 0.40
CA TRP A 58 -3.45 -16.20 0.04
C TRP A 58 -3.56 -16.01 -1.45
N MSE A 59 -2.46 -15.75 -2.11
CA MSE A 59 -2.48 -15.53 -3.54
C MSE A 59 -2.69 -16.82 -4.32
O MSE A 59 -3.29 -16.80 -5.39
CB MSE A 59 -1.21 -14.80 -4.02
CG MSE A 59 -1.12 -13.35 -3.47
SE MSE A 59 0.32 -12.39 -4.26
CE MSE A 59 1.81 -13.22 -3.48
N ARG A 60 -2.24 -17.94 -3.77
CA ARG A 60 -2.52 -19.24 -4.38
C ARG A 60 -4.00 -19.54 -4.41
N ALA A 61 -4.69 -19.21 -3.34
CA ALA A 61 -6.14 -19.32 -3.23
C ALA A 61 -6.92 -18.29 -4.05
N ASN A 62 -6.43 -17.04 -4.10
CA ASN A 62 -7.08 -15.98 -4.84
C ASN A 62 -5.99 -15.18 -5.55
N PRO A 63 -5.82 -15.38 -6.86
CA PRO A 63 -4.74 -14.70 -7.57
C PRO A 63 -4.93 -13.19 -7.79
N ARG A 64 -6.13 -12.67 -7.51
CA ARG A 64 -6.43 -11.24 -7.71
CA ARG A 64 -6.41 -11.24 -7.73
C ARG A 64 -5.65 -10.38 -6.73
N VAL A 65 -4.78 -9.50 -7.23
CA VAL A 65 -4.00 -8.62 -6.35
C VAL A 65 -3.99 -7.18 -6.82
N SER A 66 -3.46 -6.28 -5.98
CA SER A 66 -3.22 -4.94 -6.38
C SER A 66 -1.82 -4.62 -5.91
N VAL A 67 -1.09 -3.83 -6.71
CA VAL A 67 0.23 -3.40 -6.32
C VAL A 67 0.33 -1.87 -6.50
N GLN A 68 0.84 -1.19 -5.51
CA GLN A 68 0.94 0.24 -5.58
C GLN A 68 2.41 0.66 -5.49
N VAL A 69 2.78 1.60 -6.34
CA VAL A 69 4.15 2.13 -6.43
C VAL A 69 4.07 3.64 -6.57
N ASP A 70 4.96 4.35 -5.89
CA ASP A 70 5.04 5.77 -6.06
C ASP A 70 6.47 6.27 -5.98
N GLU A 71 6.67 7.51 -6.43
CA GLU A 71 7.96 8.19 -6.33
C GLU A 71 7.71 9.68 -6.08
N HIS A 72 8.70 10.38 -5.53
CA HIS A 72 8.63 11.84 -5.35
C HIS A 72 8.77 12.61 -6.65
N GLY A 73 8.21 13.81 -6.69
CA GLY A 73 8.42 14.72 -7.83
C GLY A 73 9.12 15.98 -7.35
N GLN A 74 8.91 17.08 -8.08
CA GLN A 74 9.40 18.38 -7.64
C GLN A 74 8.61 18.86 -6.43
N GLY A 75 9.36 19.25 -5.39
CA GLY A 75 8.76 19.74 -4.15
C GLY A 75 7.84 18.74 -3.45
N ARG A 76 6.56 19.09 -3.34
CA ARG A 76 5.58 18.23 -2.71
C ARG A 76 4.94 17.28 -3.71
N GLY A 77 5.32 17.41 -4.98
CA GLY A 77 4.77 16.58 -6.05
C GLY A 77 5.11 15.09 -5.96
N TRP A 78 4.35 14.28 -6.69
CA TRP A 78 4.57 12.84 -6.71
C TRP A 78 3.90 12.23 -7.90
N LYS A 79 4.25 10.97 -8.17
CA LYS A 79 3.55 10.14 -9.13
C LYS A 79 3.29 8.79 -8.48
N SER A 80 2.12 8.25 -8.75
CA SER A 80 1.72 6.99 -8.17
C SER A 80 1.12 6.09 -9.25
N VAL A 81 1.40 4.79 -9.17
CA VAL A 81 0.81 3.79 -10.05
C VAL A 81 0.14 2.71 -9.21
N VAL A 82 -1.01 2.22 -9.68
CA VAL A 82 -1.70 1.08 -9.11
C VAL A 82 -1.93 0.04 -10.19
N VAL A 83 -1.49 -1.18 -9.91
CA VAL A 83 -1.66 -2.29 -10.86
C VAL A 83 -2.79 -3.16 -10.31
N ASP A 84 -3.79 -3.48 -11.14
CA ASP A 84 -4.74 -4.56 -10.82
C ASP A 84 -4.18 -5.78 -11.53
N GLY A 85 -3.91 -6.82 -10.76
CA GLY A 85 -3.06 -7.89 -11.27
C GLY A 85 -3.55 -9.28 -10.93
N ARG A 86 -2.95 -10.25 -11.60
CA ARG A 86 -3.19 -11.64 -11.33
C ARG A 86 -1.88 -12.37 -11.04
N TYR A 87 -1.81 -13.00 -9.86
CA TYR A 87 -0.65 -13.77 -9.41
C TYR A 87 -0.45 -14.98 -10.29
N GLU A 88 0.80 -15.21 -10.69
CA GLU A 88 1.13 -16.49 -11.28
C GLU A 88 2.43 -17.01 -10.73
N GLU A 89 2.36 -18.14 -10.07
CA GLU A 89 3.54 -18.76 -9.53
C GLU A 89 4.40 -19.42 -10.65
N LEU A 90 5.71 -19.27 -10.52
CA LEU A 90 6.65 -19.70 -11.55
C LEU A 90 7.59 -20.81 -11.02
N PRO A 91 7.27 -22.07 -11.32
CA PRO A 91 8.21 -23.13 -11.04
C PRO A 91 9.53 -22.88 -11.77
N ASP A 92 10.55 -23.61 -11.34
CA ASP A 92 11.87 -23.39 -11.81
C ASP A 92 12.10 -24.19 -13.07
N LEU A 93 11.56 -23.70 -14.19
CA LEU A 93 11.59 -24.40 -15.48
C LEU A 93 12.32 -23.54 -16.49
N ILE A 94 12.76 -24.17 -17.57
CA ILE A 94 13.68 -23.54 -18.52
C ILE A 94 13.04 -22.30 -19.15
N GLY A 95 11.75 -22.42 -19.43
CA GLY A 95 10.95 -21.36 -20.05
C GLY A 95 10.88 -20.07 -19.26
N HIS A 96 11.08 -20.18 -17.93
CA HIS A 96 11.06 -19.01 -17.02
C HIS A 96 12.42 -18.63 -16.45
N LYS A 97 13.49 -19.30 -16.90
CA LYS A 97 14.81 -19.15 -16.31
C LYS A 97 15.43 -17.78 -16.59
N LEU A 98 15.27 -17.30 -17.82
CA LEU A 98 15.70 -15.95 -18.16
C LEU A 98 14.97 -14.85 -17.38
N GLN A 99 13.65 -15.00 -17.26
CA GLN A 99 12.85 -14.11 -16.41
C GLN A 99 13.37 -14.13 -14.96
N ARG A 100 13.66 -15.33 -14.45
CA ARG A 100 14.13 -15.46 -13.07
C ARG A 100 15.51 -14.86 -12.89
N ASP A 101 16.38 -15.13 -13.86
CA ASP A 101 17.78 -14.72 -13.76
C ASP A 101 17.85 -13.17 -13.88
N HIS A 102 17.08 -12.62 -14.82
CA HIS A 102 17.04 -11.20 -14.99
C HIS A 102 16.49 -10.51 -13.71
N ALA A 103 15.40 -11.06 -13.18
CA ALA A 103 14.75 -10.51 -11.99
C ALA A 103 15.74 -10.52 -10.80
N TRP A 104 16.42 -11.65 -10.57
CA TRP A 104 17.43 -11.72 -9.54
C TRP A 104 18.59 -10.73 -9.75
N SER A 105 19.00 -10.51 -11.00
CA SER A 105 20.10 -9.59 -11.25
C SER A 105 19.66 -8.16 -10.86
N VAL A 106 18.37 -7.86 -10.99
CA VAL A 106 17.84 -6.56 -10.57
C VAL A 106 17.62 -6.52 -9.04
N LEU A 107 17.28 -7.64 -8.41
CA LEU A 107 16.83 -7.61 -7.01
C LEU A 107 17.74 -8.25 -5.94
N SER A 108 18.82 -8.91 -6.35
CA SER A 108 19.64 -9.72 -5.43
C SER A 108 20.17 -8.97 -4.21
N LYS A 109 20.64 -7.73 -4.40
CA LYS A 109 21.12 -6.91 -3.26
C LYS A 109 19.96 -6.51 -2.34
N HIS A 110 18.86 -6.07 -2.94
CA HIS A 110 17.65 -5.68 -2.19
C HIS A 110 17.12 -6.83 -1.29
N THR A 111 17.19 -8.06 -1.79
CA THR A 111 16.76 -9.28 -1.06
C THR A 111 17.48 -9.47 0.27
N ASP A 112 18.75 -9.10 0.30
CA ASP A 112 19.52 -9.04 1.55
C ASP A 112 18.79 -8.24 2.64
N TRP A 113 18.06 -7.19 2.26
CA TRP A 113 17.52 -6.23 3.23
C TRP A 113 16.27 -6.72 4.00
N TRP A 114 15.50 -7.67 3.43
CA TRP A 114 14.38 -8.34 4.13
C TRP A 114 14.65 -9.83 4.50
N GLU A 115 15.67 -10.44 3.87
CA GLU A 115 16.12 -11.83 4.14
C GLU A 115 15.31 -12.87 3.34
N ALA A 130 13.33 -23.06 3.11
CA ALA A 130 14.43 -23.20 2.16
C ALA A 130 14.05 -22.72 0.72
N PRO A 131 12.82 -23.01 0.28
CA PRO A 131 12.63 -22.63 -1.11
C PRO A 131 12.32 -21.12 -1.21
N HIS A 132 12.84 -20.47 -2.24
CA HIS A 132 12.30 -19.19 -2.63
C HIS A 132 11.10 -19.59 -3.47
N VAL A 133 10.08 -18.76 -3.43
CA VAL A 133 8.98 -18.82 -4.36
C VAL A 133 9.27 -17.68 -5.32
N PHE A 134 9.26 -17.98 -6.61
CA PHE A 134 9.43 -16.99 -7.64
C PHE A 134 8.05 -16.83 -8.25
N PHE A 135 7.63 -15.59 -8.47
CA PHE A 135 6.35 -15.35 -9.08
C PHE A 135 6.30 -14.09 -9.90
N ARG A 136 5.19 -13.96 -10.62
CA ARG A 136 4.91 -12.74 -11.32
C ARG A 136 3.46 -12.36 -11.17
N ILE A 137 3.23 -11.06 -11.32
CA ILE A 137 1.91 -10.48 -11.37
C ILE A 137 1.67 -9.97 -12.79
N LEU A 138 0.66 -10.54 -13.44
CA LEU A 138 0.20 -10.11 -14.74
C LEU A 138 -0.57 -8.83 -14.54
N ILE A 139 -0.19 -7.80 -15.27
CA ILE A 139 -0.86 -6.53 -15.16
C ILE A 139 -2.18 -6.59 -15.98
N GLU A 140 -3.33 -6.58 -15.30
CA GLU A 140 -4.62 -6.61 -16.00
C GLU A 140 -5.16 -5.20 -16.28
N GLN A 141 -4.96 -4.28 -15.34
CA GLN A 141 -5.20 -2.87 -15.53
C GLN A 141 -4.07 -2.14 -14.84
N VAL A 142 -3.71 -0.97 -15.34
CA VAL A 142 -2.77 -0.16 -14.63
C VAL A 142 -3.32 1.26 -14.67
N SER A 143 -3.15 1.99 -13.58
CA SER A 143 -3.52 3.38 -13.59
C SER A 143 -2.47 4.19 -12.86
N GLY A 144 -2.46 5.48 -13.10
CA GLY A 144 -1.59 6.37 -12.39
C GLY A 144 -2.13 7.76 -12.14
N ARG A 145 -1.48 8.40 -11.19
CA ARG A 145 -1.75 9.76 -10.79
C ARG A 145 -0.44 10.50 -10.66
N GLU A 146 -0.45 11.76 -11.07
CA GLU A 146 0.62 12.71 -10.80
C GLU A 146 0.07 13.96 -10.12
N ALA A 147 0.74 14.42 -9.07
CA ALA A 147 0.36 15.67 -8.40
C ALA A 147 1.51 16.63 -8.50
N SER A 148 1.19 17.88 -8.86
CA SER A 148 2.14 18.98 -8.97
C SER A 148 1.62 20.09 -8.09
N GLU A 149 2.55 20.85 -7.55
CA GLU A 149 2.21 21.94 -6.67
C GLU A 149 1.49 23.08 -7.45
N MSE B 2 20.13 -10.14 7.78
CA MSE B 2 19.22 -9.34 8.64
C MSE B 2 18.55 -10.20 9.73
O MSE B 2 17.78 -11.12 9.41
CB MSE B 2 18.11 -8.68 7.81
CG MSE B 2 18.64 -7.74 6.71
SE MSE B 2 19.29 -6.03 7.39
CE MSE B 2 20.60 -5.53 5.93
N LEU B 3 18.84 -9.87 10.99
CA LEU B 3 17.97 -10.30 12.08
C LEU B 3 16.60 -9.74 11.71
N VAL B 4 15.63 -10.60 11.45
CA VAL B 4 14.22 -10.20 11.39
C VAL B 4 13.45 -10.79 12.56
N ARG B 5 12.64 -9.97 13.21
CA ARG B 5 11.90 -10.40 14.39
C ARG B 5 10.55 -9.71 14.40
N THR B 6 9.61 -10.29 15.13
CA THR B 6 8.31 -9.71 15.26
C THR B 6 8.32 -8.67 16.38
N LEU B 7 7.42 -7.70 16.30
CA LEU B 7 7.43 -6.59 17.21
C LEU B 7 6.38 -6.86 18.26
N SER B 8 6.56 -6.31 19.43
CA SER B 8 5.58 -6.46 20.49
C SER B 8 4.39 -5.59 20.15
N ALA B 9 3.26 -5.80 20.82
CA ALA B 9 2.12 -4.92 20.62
C ALA B 9 2.48 -3.44 20.86
N LEU B 10 3.26 -3.17 21.89
CA LEU B 10 3.63 -1.78 22.21
C LEU B 10 4.59 -1.18 21.15
N GLU B 11 5.47 -2.01 20.58
CA GLU B 11 6.36 -1.54 19.51
C GLU B 11 5.54 -1.16 18.26
N CYS B 12 4.48 -1.91 17.99
CA CYS B 12 3.62 -1.65 16.84
C CYS B 12 2.96 -0.28 16.96
N THR B 13 2.37 -0.04 18.12
CA THR B 13 1.82 1.28 18.44
C THR B 13 2.81 2.42 18.23
N LYS B 14 4.07 2.26 18.60
CA LYS B 14 5.09 3.32 18.42
C LYS B 14 5.36 3.66 16.97
N VAL B 15 5.37 2.63 16.12
CA VAL B 15 5.54 2.84 14.70
C VAL B 15 4.32 3.60 14.16
N LEU B 16 3.11 3.17 14.48
CA LEU B 16 1.90 3.83 13.99
C LEU B 16 1.80 5.28 14.44
N THR B 17 2.16 5.50 15.70
CA THR B 17 2.06 6.82 16.31
C THR B 17 3.01 7.77 15.62
N ALA B 18 4.22 7.29 15.35
CA ALA B 18 5.30 8.10 14.81
C ALA B 18 5.19 8.45 13.34
N ASN B 19 4.41 7.69 12.58
CA ASN B 19 4.35 7.91 11.15
C ASN B 19 3.01 8.53 10.73
N ARG B 20 2.99 8.99 9.50
CA ARG B 20 1.86 9.77 8.93
C ARG B 20 1.34 9.26 7.60
N VAL B 21 2.03 8.31 7.00
CA VAL B 21 1.62 7.79 5.72
C VAL B 21 1.59 6.28 5.80
N GLY B 22 0.56 5.72 5.20
CA GLY B 22 0.44 4.31 5.10
C GLY B 22 -0.11 3.96 3.72
N ARG B 23 -0.21 2.67 3.46
CA ARG B 23 -0.93 2.16 2.30
C ARG B 23 -2.18 1.47 2.80
N LEU B 24 -3.31 1.86 2.24
CA LEU B 24 -4.60 1.34 2.63
C LEU B 24 -5.13 0.43 1.54
N ALA B 25 -5.51 -0.78 1.92
CA ALA B 25 -6.09 -1.71 1.02
C ALA B 25 -7.53 -2.03 1.37
N CYS B 26 -8.37 -2.08 0.35
CA CYS B 26 -9.76 -2.47 0.45
C CYS B 26 -9.99 -3.52 -0.65
N ALA B 27 -11.20 -4.06 -0.69
CA ALA B 27 -11.51 -5.10 -1.69
C ALA B 27 -12.96 -5.10 -2.09
N LYS B 28 -13.19 -5.60 -3.31
CA LYS B 28 -14.54 -5.84 -3.82
C LYS B 28 -14.52 -7.06 -4.70
N ASP B 29 -15.41 -8.00 -4.39
CA ASP B 29 -15.54 -9.26 -5.12
C ASP B 29 -14.17 -9.95 -5.31
N GLY B 30 -13.36 -9.97 -4.26
CA GLY B 30 -12.08 -10.68 -4.30
C GLY B 30 -10.93 -9.87 -4.89
N GLN B 31 -11.23 -8.69 -5.43
CA GLN B 31 -10.21 -7.83 -6.05
C GLN B 31 -9.77 -6.83 -5.03
N PRO B 32 -8.47 -6.84 -4.66
CA PRO B 32 -7.96 -5.75 -3.84
C PRO B 32 -7.67 -4.45 -4.58
N TYR B 33 -7.58 -3.38 -3.79
CA TYR B 33 -7.23 -2.08 -4.27
C TYR B 33 -6.44 -1.37 -3.19
N VAL B 34 -5.23 -0.92 -3.52
CA VAL B 34 -4.36 -0.32 -2.52
C VAL B 34 -3.85 1.04 -2.98
N VAL B 35 -3.96 2.05 -2.09
CA VAL B 35 -3.47 3.40 -2.40
C VAL B 35 -2.79 4.01 -1.17
N PRO B 36 -1.92 5.00 -1.38
CA PRO B 36 -1.33 5.66 -0.25
C PRO B 36 -2.32 6.64 0.43
N LEU B 37 -2.14 6.82 1.73
CA LEU B 37 -3.02 7.66 2.52
C LEU B 37 -2.29 8.28 3.68
N TYR B 38 -2.56 9.56 3.93
CA TYR B 38 -2.05 10.21 5.13
C TYR B 38 -3.01 9.92 6.25
N TYR B 39 -2.48 9.61 7.44
CA TYR B 39 -3.38 9.35 8.59
C TYR B 39 -2.86 10.03 9.84
N ALA B 40 -3.71 10.12 10.84
CA ALA B 40 -3.28 10.57 12.18
C ALA B 40 -3.75 9.51 13.17
N TYR B 41 -2.83 8.98 13.99
CA TYR B 41 -3.18 7.97 14.99
C TYR B 41 -3.79 8.60 16.26
N SER B 42 -4.88 8.01 16.76
CA SER B 42 -5.36 8.29 18.12
C SER B 42 -6.30 7.19 18.57
N ASP B 43 -6.15 6.78 19.81
CA ASP B 43 -7.15 5.95 20.49
C ASP B 43 -7.44 4.64 19.71
N ALA B 44 -6.38 3.99 19.17
CA ALA B 44 -6.49 2.73 18.39
C ALA B 44 -7.32 2.88 17.12
N HIS B 45 -7.27 4.09 16.57
CA HIS B 45 -7.81 4.39 15.30
C HIS B 45 -6.80 5.15 14.48
N LEU B 46 -6.89 4.96 13.18
CA LEU B 46 -6.23 5.82 12.20
C LEU B 46 -7.23 6.72 11.50
N TYR B 47 -7.08 8.04 11.68
CA TYR B 47 -8.00 9.03 11.12
C TYR B 47 -7.47 9.59 9.82
N ALA B 48 -8.37 9.85 8.90
CA ALA B 48 -7.99 10.34 7.60
C ALA B 48 -9.17 11.04 6.92
N PHE B 49 -8.84 11.79 5.87
CA PHE B 49 -9.80 12.48 5.03
C PHE B 49 -9.63 11.97 3.63
N SER B 50 -10.72 11.95 2.87
CA SER B 50 -10.69 11.61 1.45
C SER B 50 -11.71 12.46 0.68
N MSE B 51 -11.45 12.68 -0.59
CA MSE B 51 -12.53 13.13 -1.49
C MSE B 51 -13.34 11.89 -1.88
O MSE B 51 -12.86 10.74 -1.74
CB MSE B 51 -11.96 13.87 -2.69
CG MSE B 51 -11.25 15.20 -2.33
SE MSE B 51 -12.48 16.45 -1.47
CE MSE B 51 -13.51 16.89 -2.99
N PRO B 52 -14.58 12.08 -2.37
CA PRO B 52 -15.33 10.95 -2.88
C PRO B 52 -14.56 10.19 -3.94
N GLY B 53 -14.81 8.90 -4.06
CA GLY B 53 -14.09 8.09 -5.07
C GLY B 53 -14.10 6.61 -4.80
N LYS B 54 -13.34 5.87 -5.61
CA LYS B 54 -13.30 4.40 -5.54
C LYS B 54 -13.07 3.83 -4.16
N LYS B 55 -12.01 4.23 -3.50
CA LYS B 55 -11.74 3.61 -2.19
C LYS B 55 -12.87 3.86 -1.17
N ILE B 56 -13.45 5.04 -1.17
CA ILE B 56 -14.59 5.29 -0.30
C ILE B 56 -15.78 4.43 -0.71
N GLU B 57 -16.08 4.35 -2.01
CA GLU B 57 -17.19 3.49 -2.42
C GLU B 57 -16.99 2.01 -2.01
N TRP B 58 -15.80 1.50 -2.22
CA TRP B 58 -15.48 0.12 -1.88
C TRP B 58 -15.51 -0.16 -0.38
N MSE B 59 -15.06 0.79 0.43
CA MSE B 59 -15.08 0.60 1.89
C MSE B 59 -16.48 0.77 2.50
O MSE B 59 -16.80 0.14 3.50
CB MSE B 59 -14.08 1.56 2.56
CG MSE B 59 -12.68 1.21 2.19
SE MSE B 59 -11.31 2.19 3.16
CE MSE B 59 -11.72 3.97 2.45
N ARG B 60 -17.31 1.60 1.87
CA ARG B 60 -18.70 1.74 2.24
C ARG B 60 -19.38 0.41 2.04
N ALA B 61 -19.09 -0.27 0.95
CA ALA B 61 -19.70 -1.59 0.71
C ALA B 61 -19.07 -2.79 1.50
N ASN B 62 -17.77 -2.74 1.72
CA ASN B 62 -17.01 -3.76 2.44
C ASN B 62 -16.05 -3.06 3.39
N PRO B 63 -16.39 -2.94 4.67
CA PRO B 63 -15.50 -2.19 5.52
C PRO B 63 -14.25 -2.92 6.00
N ARG B 64 -13.94 -4.15 5.54
CA ARG B 64 -12.68 -4.80 5.89
CA ARG B 64 -12.66 -4.80 5.88
C ARG B 64 -11.51 -4.17 5.14
N VAL B 65 -10.47 -3.75 5.88
CA VAL B 65 -9.31 -3.19 5.27
C VAL B 65 -8.02 -3.72 5.90
N SER B 66 -6.93 -3.42 5.24
CA SER B 66 -5.59 -3.62 5.81
C SER B 66 -4.80 -2.34 5.55
N VAL B 67 -3.96 -1.96 6.51
CA VAL B 67 -3.08 -0.79 6.37
C VAL B 67 -1.66 -1.16 6.73
N GLN B 68 -0.71 -0.75 5.91
CA GLN B 68 0.69 -1.01 6.13
C GLN B 68 1.48 0.28 6.29
N VAL B 69 2.33 0.32 7.32
CA VAL B 69 3.06 1.52 7.68
C VAL B 69 4.46 1.07 7.96
N ASP B 70 5.45 1.82 7.48
CA ASP B 70 6.82 1.48 7.83
C ASP B 70 7.73 2.66 7.97
N GLU B 71 8.92 2.43 8.50
CA GLU B 71 9.89 3.47 8.66
C GLU B 71 11.27 2.87 8.52
N HIS B 72 12.22 3.72 8.16
CA HIS B 72 13.64 3.34 8.23
C HIS B 72 14.15 3.28 9.66
N GLY B 73 15.15 2.43 9.85
CA GLY B 73 15.99 2.52 11.00
C GLY B 73 17.39 2.80 10.49
N GLN B 74 18.32 2.03 11.02
CA GLN B 74 19.75 2.25 10.93
C GLN B 74 20.24 1.44 9.75
N GLY B 75 21.20 1.97 9.00
CA GLY B 75 21.68 1.33 7.78
C GLY B 75 20.51 0.93 6.89
N ARG B 76 20.45 -0.36 6.53
CA ARG B 76 19.37 -0.90 5.73
C ARG B 76 18.18 -1.37 6.60
N GLY B 77 18.22 -1.08 7.90
CA GLY B 77 17.16 -1.44 8.85
C GLY B 77 15.79 -0.84 8.51
N TRP B 78 14.74 -1.45 9.07
CA TRP B 78 13.38 -0.95 8.95
C TRP B 78 12.43 -1.61 9.96
N LYS B 79 11.29 -0.98 10.15
CA LYS B 79 10.23 -1.47 10.99
C LYS B 79 8.97 -1.32 10.18
N SER B 80 8.12 -2.34 10.19
CA SER B 80 6.87 -2.30 9.43
C SER B 80 5.75 -2.83 10.32
N VAL B 81 4.55 -2.24 10.17
CA VAL B 81 3.36 -2.67 10.88
C VAL B 81 2.26 -2.97 9.86
N VAL B 82 1.51 -4.05 10.10
CA VAL B 82 0.31 -4.31 9.34
C VAL B 82 -0.88 -4.31 10.26
N VAL B 83 -1.87 -3.49 9.89
CA VAL B 83 -3.12 -3.35 10.68
C VAL B 83 -4.24 -4.01 9.91
N ASP B 84 -5.02 -4.84 10.60
CA ASP B 84 -6.24 -5.32 10.03
C ASP B 84 -7.36 -4.63 10.71
N GLY B 85 -8.15 -4.00 9.88
CA GLY B 85 -9.02 -2.95 10.34
C GLY B 85 -10.43 -2.98 9.79
N ARG B 86 -11.19 -2.05 10.35
CA ARG B 86 -12.53 -1.79 9.90
C ARG B 86 -12.69 -0.29 9.58
N TYR B 87 -13.12 0.00 8.35
CA TYR B 87 -13.53 1.38 7.98
C TYR B 87 -14.76 1.87 8.76
N GLU B 88 -14.70 3.06 9.37
CA GLU B 88 -15.88 3.69 9.96
C GLU B 88 -15.97 5.09 9.46
N GLU B 89 -16.97 5.39 8.65
CA GLU B 89 -17.16 6.77 8.15
C GLU B 89 -17.60 7.63 9.32
N LEU B 90 -17.16 8.88 9.35
CA LEU B 90 -17.56 9.79 10.41
C LEU B 90 -18.38 10.92 9.81
N PRO B 91 -19.72 10.76 9.74
CA PRO B 91 -20.51 11.78 9.08
C PRO B 91 -20.37 13.13 9.73
N ASP B 92 -20.62 14.19 8.95
CA ASP B 92 -20.46 15.54 9.40
C ASP B 92 -21.61 15.98 10.30
N LEU B 93 -21.66 15.38 11.47
CA LEU B 93 -22.68 15.63 12.48
C LEU B 93 -21.95 16.12 13.71
N ILE B 94 -22.67 16.78 14.59
CA ILE B 94 -22.06 17.47 15.73
C ILE B 94 -21.29 16.53 16.66
N GLY B 95 -21.72 15.27 16.73
CA GLY B 95 -21.07 14.27 17.57
C GLY B 95 -19.66 13.93 17.12
N HIS B 96 -19.33 14.23 15.85
CA HIS B 96 -18.00 13.99 15.28
C HIS B 96 -17.23 15.27 14.97
N LYS B 97 -17.77 16.42 15.37
CA LYS B 97 -17.20 17.70 14.97
C LYS B 97 -15.83 17.93 15.61
N LEU B 98 -15.71 17.58 16.89
CA LEU B 98 -14.46 17.80 17.58
C LEU B 98 -13.38 16.86 17.00
N GLN B 99 -13.74 15.60 16.75
CA GLN B 99 -12.84 14.64 16.07
C GLN B 99 -12.43 15.20 14.74
N ARG B 100 -13.40 15.73 14.00
CA ARG B 100 -13.14 16.29 12.68
C ARG B 100 -12.20 17.49 12.75
N ASP B 101 -12.51 18.42 13.65
CA ASP B 101 -11.67 19.61 13.80
C ASP B 101 -10.24 19.26 14.19
N HIS B 102 -10.10 18.38 15.20
CA HIS B 102 -8.78 17.90 15.62
C HIS B 102 -8.00 17.25 14.49
N ALA B 103 -8.62 16.29 13.84
CA ALA B 103 -7.96 15.57 12.71
C ALA B 103 -7.57 16.53 11.59
N TRP B 104 -8.46 17.47 11.26
CA TRP B 104 -8.24 18.36 10.13
C TRP B 104 -7.05 19.27 10.40
N SER B 105 -6.92 19.71 11.66
CA SER B 105 -5.83 20.62 12.00
CA SER B 105 -5.84 20.61 12.03
C SER B 105 -4.48 19.92 11.85
N VAL B 106 -4.43 18.61 12.15
CA VAL B 106 -3.19 17.83 12.00
C VAL B 106 -2.94 17.46 10.54
N LEU B 107 -3.99 17.15 9.80
CA LEU B 107 -3.86 16.68 8.44
C LEU B 107 -4.02 17.76 7.37
N SER B 108 -4.40 18.96 7.78
CA SER B 108 -4.75 20.04 6.86
C SER B 108 -3.61 20.35 5.92
N LYS B 109 -2.42 20.52 6.49
CA LYS B 109 -1.19 20.73 5.73
C LYS B 109 -0.93 19.59 4.69
N HIS B 110 -1.00 18.35 5.19
CA HIS B 110 -0.74 17.14 4.38
C HIS B 110 -1.75 17.02 3.28
N THR B 111 -3.00 17.36 3.60
CA THR B 111 -4.12 17.34 2.64
C THR B 111 -3.83 18.25 1.46
N ASP B 112 -3.07 19.31 1.70
CA ASP B 112 -2.69 20.18 0.59
C ASP B 112 -1.76 19.49 -0.38
N TRP B 113 -1.20 18.34 0.00
CA TRP B 113 -0.26 17.61 -0.86
C TRP B 113 -0.89 16.51 -1.74
N TRP B 114 -2.20 16.24 -1.60
CA TRP B 114 -2.90 15.33 -2.54
C TRP B 114 -4.21 15.87 -3.09
N GLU B 115 -4.88 16.74 -2.32
CA GLU B 115 -6.21 17.24 -2.68
C GLU B 115 -6.20 17.99 -4.04
N PRO B 116 -6.94 17.51 -5.04
CA PRO B 116 -6.95 18.22 -6.32
C PRO B 116 -7.66 19.58 -6.21
N GLY B 117 -7.01 20.61 -6.72
CA GLY B 117 -7.62 21.94 -6.76
C GLY B 117 -8.74 22.00 -7.78
N ALA B 118 -9.61 23.01 -7.65
CA ALA B 118 -10.63 23.31 -8.67
C ALA B 118 -9.92 23.77 -9.96
N LEU B 119 -10.39 23.24 -11.09
CA LEU B 119 -9.75 23.41 -12.43
C LEU B 119 -8.20 23.37 -12.40
N SER B 129 -12.69 21.05 5.04
CA SER B 129 -13.20 19.70 5.29
C SER B 129 -14.75 19.64 5.16
N ALA B 130 -15.32 20.29 4.14
CA ALA B 130 -16.75 20.21 3.92
C ALA B 130 -17.09 19.08 2.93
N PRO B 131 -16.59 19.12 1.66
CA PRO B 131 -16.97 18.03 0.73
C PRO B 131 -16.10 16.78 0.96
N HIS B 132 -15.29 16.85 2.00
CA HIS B 132 -14.44 15.77 2.37
C HIS B 132 -15.21 14.71 3.10
N VAL B 133 -14.80 13.47 2.84
CA VAL B 133 -15.23 12.37 3.65
C VAL B 133 -14.19 12.19 4.74
N PHE B 134 -14.63 12.29 5.98
CA PHE B 134 -13.79 12.03 7.15
C PHE B 134 -14.08 10.60 7.62
N PHE B 135 -13.04 9.86 7.98
CA PHE B 135 -13.25 8.48 8.40
C PHE B 135 -12.12 8.05 9.29
N ARG B 136 -12.36 6.92 9.94
CA ARG B 136 -11.31 6.23 10.67
C ARG B 136 -11.26 4.75 10.36
N ILE B 137 -10.05 4.20 10.49
CA ILE B 137 -9.81 2.79 10.52
C ILE B 137 -9.63 2.34 11.97
N LEU B 138 -10.56 1.54 12.46
CA LEU B 138 -10.41 0.89 13.76
C LEU B 138 -9.43 -0.25 13.65
N ILE B 139 -8.41 -0.22 14.50
CA ILE B 139 -7.34 -1.20 14.49
C ILE B 139 -7.86 -2.42 15.27
N GLU B 140 -8.13 -3.53 14.58
CA GLU B 140 -8.62 -4.71 15.26
C GLU B 140 -7.50 -5.71 15.53
N GLN B 141 -6.68 -5.97 14.54
CA GLN B 141 -5.48 -6.83 14.73
C GLN B 141 -4.30 -6.01 14.22
N VAL B 142 -3.14 -6.21 14.84
CA VAL B 142 -1.92 -5.51 14.42
C VAL B 142 -0.75 -6.42 14.63
N SER B 143 0.17 -6.43 13.67
CA SER B 143 1.41 -7.17 13.72
C SER B 143 2.52 -6.26 13.23
N GLY B 144 3.75 -6.59 13.64
CA GLY B 144 4.92 -5.77 13.33
C GLY B 144 6.13 -6.66 13.05
N ARG B 145 7.04 -6.16 12.21
CA ARG B 145 8.29 -6.80 11.90
C ARG B 145 9.40 -5.77 11.92
N GLU B 146 10.60 -6.18 12.34
CA GLU B 146 11.77 -5.33 12.19
C GLU B 146 12.92 -6.13 11.60
N ALA B 147 13.60 -5.55 10.62
CA ALA B 147 14.89 -6.03 10.11
C ALA B 147 16.00 -5.19 10.72
N SER B 148 16.96 -5.85 11.34
CA SER B 148 18.25 -5.23 11.76
C SER B 148 19.35 -5.65 10.79
CL CL C . 11.61 8.54 -4.69
PA FAD D . 4.29 -14.54 7.36
O1A FAD D . 3.40 -15.59 6.71
O2A FAD D . 5.74 -14.91 7.55
O5B FAD D . 3.67 -13.87 8.70
C5B FAD D . 2.34 -13.39 8.73
C4B FAD D . 2.21 -12.51 9.97
O4B FAD D . 3.27 -11.54 10.04
C3B FAD D . 0.90 -11.74 9.98
O3B FAD D . 0.52 -11.47 11.33
C2B FAD D . 1.31 -10.47 9.24
O2B FAD D . 0.42 -9.37 9.45
C1B FAD D . 2.74 -10.26 9.76
N9A FAD D . 3.61 -9.56 8.77
C8A FAD D . 4.19 -10.06 7.62
N7A FAD D . 4.92 -9.08 7.03
C5A FAD D . 4.82 -7.96 7.77
C6A FAD D . 5.34 -6.66 7.64
N6A FAD D . 5.99 -6.24 6.55
N1A FAD D . 5.02 -5.75 8.60
C2A FAD D . 4.22 -6.08 9.67
N3A FAD D . 3.71 -7.35 9.79
C4A FAD D . 4.00 -8.26 8.86
N1 FAD D . 9.28 -9.99 1.50
C2 FAD D . 9.32 -10.88 0.46
O2 FAD D . 8.91 -12.02 0.63
N3 FAD D . 9.88 -10.47 -0.76
C4 FAD D . 10.36 -9.17 -0.96
O4 FAD D . 10.69 -8.80 -2.08
C4X FAD D . 10.30 -8.24 0.09
N5 FAD D . 10.77 -6.93 -0.06
C5X FAD D . 10.69 -6.05 1.02
C6 FAD D . 11.13 -4.75 0.85
C7 FAD D . 11.08 -3.84 1.92
C7M FAD D . 11.43 -2.40 1.67
C8 FAD D . 10.55 -4.28 3.17
C8M FAD D . 10.39 -3.33 4.32
C9 FAD D . 10.10 -5.58 3.33
C9A FAD D . 10.17 -6.50 2.26
N10 FAD D . 9.73 -7.83 2.39
C10 FAD D . 9.77 -8.68 1.32
C1' FAD D . 9.08 -8.41 3.65
C2' FAD D . 7.55 -8.50 3.52
O2' FAD D . 7.01 -7.18 3.61
C3' FAD D . 6.91 -9.40 4.59
O3' FAD D . 7.11 -8.86 5.89
C4' FAD D . 7.44 -10.85 4.53
O4' FAD D . 7.48 -11.35 3.19
C5' FAD D . 6.58 -11.79 5.36
O5' FAD D . 5.32 -11.79 4.74
P FAD D . 4.38 -13.06 4.85
O1P FAD D . 3.13 -12.74 4.15
O2P FAD D . 5.08 -14.29 4.25
O3P FAD D . 4.19 -13.22 6.41
C1 EDO E . 8.06 5.08 0.36
O1 EDO E . 8.43 3.85 0.94
C2 EDO E . 7.88 6.02 1.50
O2 EDO E . 6.71 5.63 2.23
PA FAD F . -10.74 7.71 -7.95
O1A FAD F . -12.07 7.13 -7.60
O2A FAD F . -10.63 9.23 -8.00
O5B FAD F . -10.15 7.05 -9.31
C5B FAD F . -10.17 5.65 -9.50
C4B FAD F . -9.09 5.36 -10.53
O4B FAD F . -7.91 6.10 -10.26
C3B FAD F . -8.65 3.90 -10.54
O3B FAD F . -8.30 3.60 -11.86
C2B FAD F . -7.44 3.89 -9.63
O2B FAD F . -6.62 2.74 -9.85
C1B FAD F . -6.81 5.24 -9.93
N9A FAD F . -6.00 5.80 -8.80
C8A FAD F . -6.45 6.49 -7.69
N7A FAD F . -5.38 6.80 -6.92
C5A FAD F . -4.25 6.32 -7.52
C6A FAD F . -2.94 6.35 -7.15
N6A FAD F . -2.52 6.84 -5.98
N1A FAD F . -2.02 5.77 -7.99
C2A FAD F . -2.42 5.18 -9.16
N3A FAD F . -3.75 5.12 -9.52
C4A FAD F . -4.64 5.70 -8.69
N1 FAD F . -6.08 10.53 -0.91
C2 FAD F . -7.09 10.76 0.02
O2 FAD F . -8.28 10.68 -0.31
N3 FAD F . -6.74 10.96 1.33
C4 FAD F . -5.39 10.99 1.74
O4 FAD F . -5.13 11.05 2.93
C4X FAD F . -4.38 10.81 0.82
N5 FAD F . -3.03 10.86 1.20
C5X FAD F . -2.06 10.66 0.21
C6 FAD F . -0.70 10.65 0.59
C7 FAD F . 0.28 10.46 -0.41
C7M FAD F . 1.70 10.34 0.04
C8 FAD F . -0.06 10.27 -1.75
C8M FAD F . 1.01 9.87 -2.77
C9 FAD F . -1.42 10.25 -2.11
C9A FAD F . -2.42 10.45 -1.13
N10 FAD F . -3.76 10.42 -1.47
C10 FAD F . -4.75 10.58 -0.52
C1' FAD F . -4.24 10.18 -2.86
C2' FAD F . -4.79 8.73 -2.95
O2' FAD F . -3.72 7.83 -2.96
C3' FAD F . -5.64 8.53 -4.20
O3' FAD F . -4.87 8.78 -5.36
C4' FAD F . -6.89 9.42 -4.22
O4' FAD F . -7.48 9.51 -2.94
C5' FAD F . -7.87 8.91 -5.23
O5' FAD F . -8.28 7.59 -4.89
P FAD F . -9.75 7.13 -5.27
O1P FAD F . -9.92 5.71 -4.91
O2P FAD F . -10.80 8.12 -4.74
O3P FAD F . -9.63 7.19 -6.86
#